data_1VQ1
#
_entry.id   1VQ1
#
_cell.length_a   140.973
_cell.length_b   58.611
_cell.length_c   85.667
_cell.angle_alpha   90.00
_cell.angle_beta   109.46
_cell.angle_gamma   90.00
#
_symmetry.space_group_name_H-M   'C 1 2 1'
#
loop_
_entity.id
_entity.type
_entity.pdbx_description
1 polymer 'N5-glutamine methyltransferase, HemK'
2 non-polymer S-ADENOSYLMETHIONINE
3 water water
#
_entity_poly.entity_id   1
_entity_poly.type   'polypeptide(L)'
_entity_poly.pdbx_seq_one_letter_code
;(MSE)GSDKIHHHHHH(MSE)DTRKNVSGAERKIWSLIRDCSGKLEGVTETSVLEVLLIVSRVLGIRKEDLFLKDLGVSP
TEEKRILELVEKRASGYPLHYILGEKEF(MSE)GLSFLVEEGVFVPRPETEELVELALELIRKYGIKTVADIGTGSGAIG
VSVAKFSDAIVFATDVSSKAVEIARKNAERHGVSDRFFVRKGEFLEPFKEKFASIE(MSE)ILSNPPYVKSSAHLPKDVL
FEPPEALFGGEDGLDFYREFFGRYDTSGKIVL(MSE)EIGEDQVEELKKIVSDTVFLKDSAGKYRFLLLNRRSS
;
_entity_poly.pdbx_strand_id   A,B
#
loop_
_chem_comp.id
_chem_comp.type
_chem_comp.name
_chem_comp.formula
SAM non-polymer S-ADENOSYLMETHIONINE 'C15 H22 N6 O5 S'
#
# COMPACT_ATOMS: atom_id res chain seq x y z
N ARG A 24 -9.81 -24.04 -17.88
CA ARG A 24 -11.27 -23.90 -17.58
C ARG A 24 -11.69 -24.72 -16.33
N LYS A 25 -11.69 -26.06 -16.42
CA LYS A 25 -12.04 -26.95 -15.27
C LYS A 25 -11.36 -26.56 -13.96
N ILE A 26 -12.14 -26.00 -13.04
CA ILE A 26 -11.59 -25.44 -11.79
C ILE A 26 -10.80 -26.41 -10.88
N TRP A 27 -11.31 -27.62 -10.72
CA TRP A 27 -10.73 -28.57 -9.78
C TRP A 27 -9.54 -29.27 -10.39
N SER A 28 -9.56 -29.43 -11.70
CA SER A 28 -8.39 -29.89 -12.43
C SER A 28 -7.23 -28.92 -12.20
N LEU A 29 -7.52 -27.61 -12.28
CA LEU A 29 -6.53 -26.58 -12.10
C LEU A 29 -5.90 -26.70 -10.74
N ILE A 30 -6.75 -26.82 -9.73
CA ILE A 30 -6.31 -26.89 -8.34
C ILE A 30 -5.32 -28.05 -8.07
N ARG A 31 -5.54 -29.18 -8.71
CA ARG A 31 -4.63 -30.32 -8.57
C ARG A 31 -3.26 -30.03 -9.19
N ASP A 32 -3.27 -29.56 -10.43
CA ASP A 32 -2.03 -29.21 -11.13
C ASP A 32 -1.18 -28.26 -10.28
N CYS A 33 -1.81 -27.33 -9.61
CA CYS A 33 -1.05 -26.37 -8.83
C CYS A 33 -0.53 -26.95 -7.52
N SER A 34 -1.34 -27.77 -6.85
CA SER A 34 -0.91 -28.39 -5.60
C SER A 34 0.54 -28.86 -5.78
N GLY A 35 0.76 -29.71 -6.78
CA GLY A 35 2.07 -30.25 -7.04
C GLY A 35 3.18 -29.21 -7.10
N LYS A 36 2.89 -28.04 -7.66
CA LYS A 36 3.92 -27.03 -7.81
C LYS A 36 4.42 -26.47 -6.47
N LEU A 37 3.75 -26.80 -5.37
CA LEU A 37 4.11 -26.24 -4.07
C LEU A 37 4.56 -27.29 -3.07
N GLU A 38 4.92 -28.48 -3.55
CA GLU A 38 5.21 -29.60 -2.68
C GLU A 38 6.53 -29.44 -1.94
N GLY A 39 7.44 -28.67 -2.53
CA GLY A 39 8.75 -28.42 -1.94
C GLY A 39 8.79 -27.15 -1.11
N VAL A 40 7.61 -26.57 -0.91
CA VAL A 40 7.47 -25.30 -0.20
C VAL A 40 6.62 -25.48 1.04
N THR A 41 5.59 -26.33 0.91
CA THR A 41 4.60 -26.51 1.94
C THR A 41 4.15 -27.95 1.92
N GLU A 42 3.83 -28.49 3.10
CA GLU A 42 3.22 -29.81 3.19
C GLU A 42 1.74 -29.75 2.80
N THR A 43 1.08 -28.62 3.13
CA THR A 43 -0.35 -28.40 2.84
C THR A 43 -0.60 -27.62 1.55
N SER A 44 -0.16 -28.21 0.43
CA SER A 44 -0.13 -27.50 -0.85
C SER A 44 -1.52 -27.20 -1.43
N VAL A 45 -2.43 -28.14 -1.22
CA VAL A 45 -3.77 -28.07 -1.80
C VAL A 45 -4.55 -26.91 -1.17
N LEU A 46 -4.51 -26.87 0.15
CA LEU A 46 -5.11 -25.79 0.91
C LEU A 46 -4.60 -24.42 0.47
N GLU A 47 -3.32 -24.34 0.14
CA GLU A 47 -2.73 -23.09 -0.29
C GLU A 47 -3.31 -22.65 -1.61
N VAL A 48 -3.51 -23.62 -2.50
CA VAL A 48 -4.07 -23.36 -3.82
C VAL A 48 -5.55 -22.93 -3.67
N LEU A 49 -6.30 -23.66 -2.86
CA LEU A 49 -7.69 -23.30 -2.57
C LEU A 49 -7.78 -21.86 -2.08
N LEU A 50 -6.88 -21.52 -1.17
CA LEU A 50 -6.82 -20.15 -0.69
C LEU A 50 -6.51 -19.19 -1.84
N ILE A 51 -5.46 -19.48 -2.61
CA ILE A 51 -5.08 -18.58 -3.67
C ILE A 51 -6.24 -18.42 -4.64
N VAL A 52 -6.86 -19.53 -5.03
CA VAL A 52 -7.99 -19.46 -5.94
C VAL A 52 -9.11 -18.61 -5.37
N SER A 53 -9.43 -18.85 -4.11
CA SER A 53 -10.51 -18.12 -3.50
C SER A 53 -10.26 -16.64 -3.60
N ARG A 54 -9.07 -16.24 -3.20
CA ARG A 54 -8.65 -14.84 -3.26
C ARG A 54 -8.78 -14.25 -4.65
N VAL A 55 -8.27 -14.95 -5.64
CA VAL A 55 -8.21 -14.41 -6.97
C VAL A 55 -9.61 -14.22 -7.49
N LEU A 56 -10.48 -15.19 -7.21
CA LEU A 56 -11.89 -15.12 -7.63
C LEU A 56 -12.69 -14.13 -6.79
N GLY A 57 -12.10 -13.67 -5.69
CA GLY A 57 -12.75 -12.69 -4.83
C GLY A 57 -13.92 -13.32 -4.13
N ILE A 58 -13.70 -14.52 -3.59
CA ILE A 58 -14.76 -15.36 -3.01
C ILE A 58 -14.32 -15.93 -1.65
N ARG A 59 -15.27 -16.47 -0.89
CA ARG A 59 -14.94 -17.07 0.40
C ARG A 59 -14.47 -18.50 0.18
N LYS A 60 -13.46 -18.93 0.97
CA LYS A 60 -12.97 -20.34 0.98
C LYS A 60 -14.11 -21.34 0.82
N GLU A 61 -15.24 -21.04 1.46
CA GLU A 61 -16.31 -21.99 1.72
C GLU A 61 -17.28 -22.06 0.55
N ASP A 62 -17.21 -21.09 -0.35
CA ASP A 62 -18.05 -21.10 -1.53
C ASP A 62 -17.42 -21.87 -2.68
N LEU A 63 -16.14 -22.21 -2.53
CA LEU A 63 -15.42 -22.98 -3.56
C LEU A 63 -16.14 -24.25 -3.97
N PHE A 64 -17.22 -24.57 -3.26
CA PHE A 64 -17.99 -25.72 -3.61
C PHE A 64 -19.14 -25.39 -4.60
N LEU A 65 -18.79 -25.55 -5.87
CA LEU A 65 -19.69 -26.15 -6.89
C LEU A 65 -18.91 -27.39 -7.44
N LYS A 66 -19.63 -28.48 -7.71
CA LYS A 66 -18.99 -29.76 -8.13
C LYS A 66 -18.76 -29.87 -9.66
N ASP A 67 -18.02 -28.91 -10.21
CA ASP A 67 -17.92 -28.74 -11.67
C ASP A 67 -16.81 -27.75 -12.10
N LEU A 68 -17.11 -26.45 -12.01
CA LEU A 68 -16.28 -25.38 -12.65
C LEU A 68 -16.36 -23.99 -11.95
N GLY A 69 -15.84 -22.96 -12.63
CA GLY A 69 -16.12 -21.55 -12.28
C GLY A 69 -14.96 -20.58 -12.35
N VAL A 70 -14.21 -20.56 -13.46
CA VAL A 70 -13.00 -19.69 -13.59
C VAL A 70 -12.71 -19.25 -15.05
N SER A 71 -12.40 -17.96 -15.25
CA SER A 71 -12.26 -17.35 -16.60
C SER A 71 -10.79 -17.20 -17.02
N PRO A 72 -10.53 -17.09 -18.33
CA PRO A 72 -9.15 -17.04 -18.83
C PRO A 72 -8.17 -16.16 -18.02
N THR A 73 -8.51 -14.89 -17.82
CA THR A 73 -7.59 -13.97 -17.13
C THR A 73 -7.43 -14.34 -15.66
N GLU A 74 -8.52 -14.77 -15.04
CA GLU A 74 -8.45 -15.33 -13.70
C GLU A 74 -7.47 -16.50 -13.64
N GLU A 75 -7.55 -17.41 -14.61
CA GLU A 75 -6.67 -18.61 -14.67
C GLU A 75 -5.20 -18.22 -14.64
N LYS A 76 -4.84 -17.18 -15.41
CA LYS A 76 -3.44 -16.78 -15.56
C LYS A 76 -2.90 -16.21 -14.26
N ARG A 77 -3.74 -15.38 -13.64
CA ARG A 77 -3.45 -14.75 -12.37
C ARG A 77 -3.08 -15.77 -11.30
N ILE A 78 -3.93 -16.77 -11.16
CA ILE A 78 -3.69 -17.90 -10.25
C ILE A 78 -2.32 -18.57 -10.52
N LEU A 79 -2.00 -18.75 -11.80
CA LEU A 79 -0.73 -19.37 -12.20
C LEU A 79 0.45 -18.50 -11.81
N GLU A 80 0.34 -17.20 -12.04
CA GLU A 80 1.33 -16.24 -11.54
C GLU A 80 1.56 -16.45 -10.05
N LEU A 81 0.47 -16.45 -9.29
CA LEU A 81 0.59 -16.44 -7.82
C LEU A 81 1.13 -17.76 -7.29
N VAL A 82 0.78 -18.85 -7.98
CA VAL A 82 1.33 -20.14 -7.64
C VAL A 82 2.84 -20.14 -7.94
N GLU A 83 3.24 -19.55 -9.07
CA GLU A 83 4.66 -19.32 -9.38
C GLU A 83 5.33 -18.52 -8.28
N LYS A 84 4.72 -17.38 -7.96
CA LYS A 84 5.19 -16.49 -6.91
C LYS A 84 5.48 -17.30 -5.66
N ARG A 85 4.46 -18.03 -5.19
CA ARG A 85 4.57 -18.85 -3.99
C ARG A 85 5.57 -19.99 -4.15
N ALA A 86 5.60 -20.56 -5.35
CA ALA A 86 6.51 -21.66 -5.66
C ALA A 86 7.93 -21.32 -5.26
N SER A 87 8.41 -20.13 -5.67
CA SER A 87 9.76 -19.66 -5.32
C SER A 87 10.02 -19.63 -3.81
N GLY A 88 9.00 -19.25 -3.05
CA GLY A 88 9.10 -19.20 -1.58
C GLY A 88 8.34 -18.06 -0.91
N TYR A 89 8.17 -16.96 -1.62
CA TYR A 89 7.31 -15.85 -1.21
C TYR A 89 6.19 -16.28 -0.26
N PRO A 90 6.11 -15.70 0.93
CA PRO A 90 5.09 -16.09 1.90
C PRO A 90 3.69 -16.08 1.33
N LEU A 91 2.92 -17.10 1.68
CA LEU A 91 1.55 -17.22 1.23
C LEU A 91 0.76 -15.96 1.60
N HIS A 92 1.01 -15.43 2.79
CA HIS A 92 0.08 -14.47 3.39
C HIS A 92 0.25 -13.04 2.88
N TYR A 93 1.38 -12.78 2.24
CA TYR A 93 1.55 -11.54 1.49
C TYR A 93 0.60 -11.53 0.28
N ILE A 94 0.46 -12.69 -0.36
CA ILE A 94 -0.40 -12.83 -1.53
C ILE A 94 -1.88 -12.69 -1.18
N LEU A 95 -2.30 -13.28 -0.06
CA LEU A 95 -3.68 -13.18 0.41
C LEU A 95 -3.99 -11.82 0.93
N GLY A 96 -2.94 -11.10 1.33
CA GLY A 96 -3.05 -9.77 1.94
C GLY A 96 -3.68 -9.83 3.30
N GLU A 97 -3.52 -10.96 3.99
CA GLU A 97 -4.29 -11.28 5.18
C GLU A 97 -3.68 -12.42 6.00
N LYS A 98 -3.95 -12.38 7.31
CA LYS A 98 -3.59 -13.47 8.24
C LYS A 98 -4.51 -13.53 9.48
N GLU A 99 -5.03 -14.72 9.81
CA GLU A 99 -5.70 -14.96 11.10
C GLU A 99 -4.66 -14.99 12.18
N PHE A 100 -4.90 -14.22 13.23
CA PHE A 100 -4.15 -14.34 14.47
C PHE A 100 -5.22 -14.08 15.51
N MSE A 101 -5.31 -14.99 16.48
CA MSE A 101 -6.36 -14.95 17.51
C MSE A 101 -7.76 -14.98 16.87
O MSE A 101 -8.68 -14.33 17.33
CB MSE A 101 -6.24 -13.68 18.39
CG MSE A 101 -4.95 -13.61 19.17
SE MSE A 101 -4.85 -15.00 20.65
CE MSE A 101 -6.30 -14.12 21.87
N GLY A 102 -7.90 -15.75 15.80
CA GLY A 102 -9.15 -15.75 15.07
C GLY A 102 -9.60 -14.38 14.61
N LEU A 103 -8.69 -13.39 14.58
CA LEU A 103 -8.97 -12.09 13.95
C LEU A 103 -8.18 -11.97 12.63
N SER A 104 -8.85 -11.38 11.64
CA SER A 104 -8.29 -11.21 10.32
C SER A 104 -7.38 -10.00 10.25
N PHE A 105 -6.05 -10.24 10.26
CA PHE A 105 -5.07 -9.15 10.20
C PHE A 105 -4.55 -8.95 8.81
N LEU A 106 -4.52 -7.70 8.37
CA LEU A 106 -3.88 -7.33 7.09
C LEU A 106 -2.35 -7.47 7.20
N VAL A 107 -1.74 -7.92 6.10
CA VAL A 107 -0.30 -7.87 5.98
C VAL A 107 0.05 -7.61 4.56
N GLU A 108 1.27 -7.13 4.34
CA GLU A 108 1.83 -6.92 3.00
C GLU A 108 3.35 -6.74 3.13
N GLU A 109 4.08 -6.86 2.02
CA GLU A 109 5.52 -6.70 2.05
C GLU A 109 5.93 -5.56 2.99
N GLY A 110 7.00 -5.79 3.74
CA GLY A 110 7.47 -4.80 4.71
C GLY A 110 6.91 -4.99 6.12
N VAL A 111 5.83 -5.76 6.27
CA VAL A 111 5.29 -6.11 7.57
C VAL A 111 5.53 -7.59 7.82
N PHE A 112 6.06 -7.90 9.00
CA PHE A 112 6.28 -9.26 9.47
C PHE A 112 4.94 -9.93 9.66
N VAL A 113 4.80 -11.16 9.18
CA VAL A 113 3.53 -11.89 9.27
C VAL A 113 3.42 -12.62 10.62
N PRO A 114 2.33 -12.42 11.34
CA PRO A 114 2.13 -13.11 12.61
C PRO A 114 2.38 -14.62 12.60
N ARG A 115 3.10 -15.07 13.60
CA ARG A 115 3.26 -16.48 13.83
C ARG A 115 2.30 -16.99 14.90
N PRO A 116 1.96 -18.29 14.84
CA PRO A 116 0.95 -18.78 15.77
C PRO A 116 1.45 -18.82 17.22
N GLU A 117 2.76 -18.90 17.42
CA GLU A 117 3.30 -18.99 18.78
C GLU A 117 2.97 -17.70 19.55
N THR A 118 2.94 -16.59 18.83
CA THR A 118 2.67 -15.33 19.50
C THR A 118 1.26 -15.31 20.12
N GLU A 119 0.36 -16.17 19.64
CA GLU A 119 -0.95 -16.24 20.26
C GLU A 119 -0.77 -16.56 21.72
N GLU A 120 0.06 -17.56 22.01
CA GLU A 120 0.31 -17.99 23.38
C GLU A 120 0.75 -16.80 24.24
N LEU A 121 1.57 -15.92 23.67
CA LEU A 121 1.97 -14.72 24.37
C LEU A 121 0.71 -13.84 24.69
N VAL A 122 -0.09 -13.51 23.69
CA VAL A 122 -1.32 -12.73 23.90
C VAL A 122 -2.24 -13.37 24.94
N GLU A 123 -2.27 -14.69 25.00
CA GLU A 123 -3.14 -15.35 25.98
C GLU A 123 -2.57 -15.28 27.40
N LEU A 124 -1.24 -15.28 27.52
CA LEU A 124 -0.59 -15.07 28.79
C LEU A 124 -0.81 -13.64 29.29
N ALA A 125 -0.69 -12.72 28.38
CA ALA A 125 -0.89 -11.32 28.64
C ALA A 125 -2.29 -11.02 29.13
N LEU A 126 -3.28 -11.74 28.60
CA LEU A 126 -4.68 -11.47 28.88
C LEU A 126 -5.04 -11.97 30.26
N GLU A 127 -4.48 -13.11 30.67
CA GLU A 127 -4.71 -13.61 32.01
C GLU A 127 -3.99 -12.73 33.03
N LEU A 128 -2.81 -12.27 32.67
CA LEU A 128 -2.10 -11.35 33.52
C LEU A 128 -2.94 -10.10 33.75
N ILE A 129 -3.72 -9.68 32.76
CA ILE A 129 -4.57 -8.52 32.90
C ILE A 129 -5.70 -8.83 33.86
N ARG A 130 -6.30 -9.98 33.70
CA ARG A 130 -7.45 -10.31 34.50
C ARG A 130 -7.03 -10.44 35.96
N LYS A 131 -5.93 -11.14 36.18
CA LYS A 131 -5.38 -11.35 37.50
C LYS A 131 -5.15 -10.04 38.21
N TYR A 132 -4.41 -9.12 37.58
CA TYR A 132 -4.04 -7.84 38.21
C TYR A 132 -4.91 -6.66 37.81
N GLY A 133 -5.92 -6.89 36.97
CA GLY A 133 -6.86 -5.84 36.58
C GLY A 133 -6.14 -4.69 35.91
N ILE A 134 -5.25 -5.05 34.98
CA ILE A 134 -4.36 -4.11 34.34
C ILE A 134 -5.14 -3.27 33.38
N LYS A 135 -4.82 -1.97 33.29
CA LYS A 135 -5.56 -1.10 32.37
C LYS A 135 -4.72 -0.51 31.25
N THR A 136 -3.38 -0.59 31.34
CA THR A 136 -2.47 0.14 30.42
C THR A 136 -1.26 -0.70 30.01
N VAL A 137 -1.10 -0.90 28.71
CA VAL A 137 -0.21 -1.92 28.16
C VAL A 137 0.48 -1.38 26.93
N ALA A 138 1.72 -1.81 26.72
CA ALA A 138 2.48 -1.34 25.59
C ALA A 138 2.86 -2.53 24.77
N ASP A 139 3.05 -2.30 23.48
CA ASP A 139 3.50 -3.31 22.53
C ASP A 139 4.63 -2.70 21.67
N ILE A 140 5.86 -3.20 21.86
CA ILE A 140 7.01 -2.67 21.17
C ILE A 140 7.27 -3.48 19.90
N GLY A 141 7.18 -2.85 18.75
CA GLY A 141 7.46 -3.51 17.52
C GLY A 141 6.23 -4.23 17.14
N THR A 142 5.18 -3.46 16.96
CA THR A 142 3.82 -3.96 16.90
C THR A 142 3.65 -4.88 15.69
N GLY A 143 4.30 -4.49 14.61
CA GLY A 143 4.22 -5.20 13.36
C GLY A 143 2.88 -4.97 12.69
N SER A 144 2.27 -6.06 12.27
CA SER A 144 0.90 -6.03 11.76
C SER A 144 -0.11 -5.41 12.75
N GLY A 145 0.32 -5.22 14.02
CA GLY A 145 -0.49 -4.77 15.14
C GLY A 145 -1.01 -5.95 15.93
N ALA A 146 -0.55 -7.14 15.53
CA ALA A 146 -1.14 -8.41 15.95
C ALA A 146 -1.25 -8.66 17.42
N ILE A 147 -0.31 -8.16 18.21
CA ILE A 147 -0.39 -8.30 19.68
C ILE A 147 -1.22 -7.18 20.32
N GLY A 148 -0.83 -5.94 20.10
CA GLY A 148 -1.56 -4.82 20.64
C GLY A 148 -3.06 -4.81 20.30
N VAL A 149 -3.43 -5.04 19.04
CA VAL A 149 -4.87 -5.02 18.69
C VAL A 149 -5.58 -6.15 19.39
N SER A 150 -4.98 -7.34 19.42
CA SER A 150 -5.61 -8.47 20.08
C SER A 150 -5.88 -8.20 21.57
N VAL A 151 -4.89 -7.65 22.24
CA VAL A 151 -5.03 -7.41 23.64
C VAL A 151 -6.14 -6.38 23.79
N ALA A 152 -6.04 -5.33 23.01
CA ALA A 152 -7.09 -4.32 22.98
C ALA A 152 -8.49 -4.87 22.66
N LYS A 153 -8.58 -5.87 21.82
CA LYS A 153 -9.89 -6.32 21.32
C LYS A 153 -10.53 -7.19 22.36
N PHE A 154 -9.71 -7.92 23.10
CA PHE A 154 -10.19 -8.89 24.07
C PHE A 154 -10.02 -8.47 25.54
N SER A 155 -9.89 -7.19 25.80
CA SER A 155 -9.89 -6.69 27.15
C SER A 155 -10.28 -5.23 27.15
N ASP A 156 -10.36 -4.63 28.32
CA ASP A 156 -10.51 -3.17 28.45
C ASP A 156 -9.23 -2.35 28.44
N ALA A 157 -8.09 -3.00 28.23
CA ALA A 157 -6.80 -2.33 28.28
C ALA A 157 -6.63 -1.36 27.13
N ILE A 158 -5.84 -0.31 27.32
CA ILE A 158 -5.41 0.48 26.17
C ILE A 158 -3.95 0.25 25.96
N VAL A 159 -3.59 0.32 24.68
CA VAL A 159 -2.35 -0.16 24.20
C VAL A 159 -1.63 0.92 23.45
N PHE A 160 -0.36 1.10 23.79
CA PHE A 160 0.49 2.04 23.12
C PHE A 160 1.52 1.22 22.36
N ALA A 161 1.69 1.49 21.07
CA ALA A 161 2.50 0.61 20.24
C ALA A 161 3.43 1.43 19.41
N THR A 162 4.61 0.86 19.21
CA THR A 162 5.69 1.47 18.47
C THR A 162 6.20 0.54 17.38
N ASP A 163 6.88 1.12 16.39
CA ASP A 163 7.60 0.34 15.40
C ASP A 163 8.49 1.27 14.61
N VAL A 164 9.75 0.89 14.48
CA VAL A 164 10.68 1.61 13.62
C VAL A 164 10.21 1.79 12.17
N SER A 165 9.30 0.93 11.69
CA SER A 165 8.85 0.95 10.29
C SER A 165 7.53 1.69 10.05
N SER A 166 7.51 2.57 9.07
CA SER A 166 6.29 3.33 8.74
C SER A 166 5.16 2.46 8.18
N LYS A 167 5.52 1.40 7.42
CA LYS A 167 4.51 0.51 6.83
C LYS A 167 3.79 -0.13 8.00
N ALA A 168 4.58 -0.61 8.96
CA ALA A 168 4.05 -1.19 10.18
C ALA A 168 2.96 -0.34 10.79
N VAL A 169 3.24 0.94 10.93
CA VAL A 169 2.39 1.83 11.68
C VAL A 169 1.12 2.10 10.88
N GLU A 170 1.23 2.16 9.56
CA GLU A 170 0.04 2.44 8.75
C GLU A 170 -0.85 1.23 8.89
N ILE A 171 -0.23 0.06 8.76
CA ILE A 171 -0.94 -1.21 8.74
C ILE A 171 -1.57 -1.49 10.09
N ALA A 172 -0.84 -1.25 11.18
CA ALA A 172 -1.40 -1.41 12.53
C ALA A 172 -2.59 -0.48 12.71
N ARG A 173 -2.46 0.78 12.32
CA ARG A 173 -3.58 1.69 12.45
C ARG A 173 -4.83 1.23 11.70
N LYS A 174 -4.59 0.57 10.55
CA LYS A 174 -5.71 0.07 9.80
C LYS A 174 -6.29 -1.14 10.48
N ASN A 175 -5.44 -2.04 10.93
CA ASN A 175 -5.95 -3.23 11.64
C ASN A 175 -6.73 -2.88 12.90
N ALA A 176 -6.24 -1.94 13.70
CA ALA A 176 -6.98 -1.47 14.86
C ALA A 176 -8.32 -0.96 14.41
N GLU A 177 -8.30 -0.05 13.45
CA GLU A 177 -9.55 0.52 12.95
C GLU A 177 -10.48 -0.57 12.42
N ARG A 178 -9.87 -1.57 11.83
CA ARG A 178 -10.57 -2.71 11.27
C ARG A 178 -11.19 -3.63 12.33
N HIS A 179 -10.93 -3.38 13.59
CA HIS A 179 -11.46 -4.23 14.66
C HIS A 179 -12.06 -3.39 15.74
N GLY A 180 -12.31 -2.13 15.43
CA GLY A 180 -13.00 -1.22 16.32
C GLY A 180 -12.28 -0.82 17.59
N VAL A 181 -10.96 -0.97 17.63
CA VAL A 181 -10.21 -0.59 18.81
C VAL A 181 -9.32 0.62 18.57
N SER A 182 -9.61 1.40 17.55
CA SER A 182 -8.85 2.62 17.33
C SER A 182 -8.95 3.57 18.53
N ASP A 183 -10.09 3.58 19.20
CA ASP A 183 -10.23 4.38 20.40
C ASP A 183 -9.30 3.95 21.55
N ARG A 184 -8.72 2.75 21.47
CA ARG A 184 -7.91 2.19 22.56
C ARG A 184 -6.54 1.57 22.20
N PHE A 185 -6.14 1.65 20.94
CA PHE A 185 -4.87 1.17 20.44
C PHE A 185 -4.24 2.31 19.69
N PHE A 186 -3.20 2.90 20.25
CA PHE A 186 -2.45 4.02 19.65
C PHE A 186 -1.04 3.59 19.21
N VAL A 187 -0.66 3.97 18.01
CA VAL A 187 0.61 3.53 17.50
C VAL A 187 1.38 4.73 16.94
N ARG A 188 2.68 4.75 17.25
CA ARG A 188 3.59 5.82 16.83
C ARG A 188 4.92 5.24 16.34
N LYS A 189 5.56 5.88 15.36
CA LYS A 189 6.83 5.39 14.83
C LYS A 189 7.97 5.78 15.74
N GLY A 190 8.86 4.83 15.99
CA GLY A 190 10.01 5.07 16.84
C GLY A 190 10.53 3.77 17.40
N GLU A 191 11.58 3.85 18.20
CA GLU A 191 12.16 2.65 18.75
C GLU A 191 11.82 2.51 20.21
N PHE A 192 11.65 1.28 20.67
CA PHE A 192 11.28 0.99 22.05
C PHE A 192 10.08 1.85 22.47
N LEU A 193 10.21 2.64 23.52
CA LEU A 193 9.14 3.52 23.96
C LEU A 193 9.62 4.97 23.95
N GLU A 194 10.43 5.32 22.96
CA GLU A 194 10.86 6.72 22.79
C GLU A 194 9.69 7.58 22.36
N PRO A 195 8.82 7.09 21.47
CA PRO A 195 7.70 7.96 21.15
C PRO A 195 6.66 8.08 22.23
N PHE A 196 6.81 7.35 23.36
CA PHE A 196 5.87 7.44 24.49
C PHE A 196 6.60 7.68 25.80
N LYS A 197 7.59 8.55 25.83
CA LYS A 197 8.27 8.84 27.11
C LYS A 197 7.27 9.39 28.12
N GLU A 198 6.32 10.13 27.58
CA GLU A 198 5.25 10.77 28.34
C GLU A 198 4.34 9.82 29.08
N LYS A 199 4.29 8.57 28.67
CA LYS A 199 3.37 7.59 29.22
C LYS A 199 4.10 6.44 29.93
N PHE A 200 5.42 6.49 29.99
CA PHE A 200 6.18 5.37 30.49
C PHE A 200 5.76 5.04 31.89
N ALA A 201 5.61 6.08 32.69
CA ALA A 201 5.20 5.96 34.09
C ALA A 201 4.03 5.03 34.20
N SER A 202 2.99 5.34 33.43
CA SER A 202 1.71 4.72 33.60
C SER A 202 1.68 3.28 33.04
N ILE A 203 2.67 2.89 32.25
CA ILE A 203 2.59 1.58 31.57
C ILE A 203 2.79 0.46 32.57
N GLU A 204 1.79 -0.40 32.65
CA GLU A 204 1.78 -1.49 33.62
C GLU A 204 2.40 -2.74 33.05
N MSE A 205 2.34 -2.88 31.73
CA MSE A 205 2.83 -4.09 31.09
C MSE A 205 3.35 -3.82 29.72
O MSE A 205 2.66 -3.21 28.87
CB MSE A 205 1.71 -5.10 31.00
CG MSE A 205 2.02 -6.26 30.19
SE MSE A 205 0.85 -7.85 30.65
CE MSE A 205 1.79 -8.64 32.16
N ILE A 206 4.57 -4.29 29.50
CA ILE A 206 5.26 -4.10 28.24
C ILE A 206 5.30 -5.41 27.54
N LEU A 207 4.87 -5.44 26.29
CA LEU A 207 4.76 -6.67 25.56
C LEU A 207 5.57 -6.50 24.29
N SER A 208 6.22 -7.60 23.89
CA SER A 208 6.93 -7.60 22.63
C SER A 208 7.17 -8.98 22.11
N ASN A 209 6.96 -9.11 20.80
CA ASN A 209 7.62 -10.18 20.04
C ASN A 209 8.71 -9.52 19.23
N PRO A 210 9.90 -9.43 19.79
CA PRO A 210 10.92 -8.70 19.09
C PRO A 210 11.69 -9.60 18.14
N PRO A 211 12.56 -9.01 17.33
CA PRO A 211 13.56 -9.76 16.55
C PRO A 211 14.60 -10.49 17.42
N TYR A 212 14.53 -11.82 17.50
CA TYR A 212 15.50 -12.59 18.35
C TYR A 212 16.48 -13.53 17.62
N VAL A 213 16.60 -13.39 16.30
CA VAL A 213 17.36 -14.32 15.47
C VAL A 213 18.82 -13.81 15.25
N LYS A 214 19.78 -14.74 15.20
CA LYS A 214 21.16 -14.36 14.95
C LYS A 214 21.36 -13.82 13.52
N SER A 215 22.30 -12.89 13.37
CA SER A 215 22.75 -12.39 12.06
C SER A 215 23.29 -13.49 11.16
N SER A 216 23.76 -14.56 11.78
CA SER A 216 24.27 -15.72 11.06
C SER A 216 23.31 -16.91 11.09
N ALA A 217 22.01 -16.66 11.23
CA ALA A 217 21.04 -17.75 11.03
C ALA A 217 20.42 -17.63 9.61
N HIS A 218 21.29 -17.48 8.60
CA HIS A 218 20.92 -17.01 7.26
C HIS A 218 21.59 -17.87 6.17
N LEU A 224 15.19 -14.26 3.53
CA LEU A 224 14.26 -13.20 3.84
C LEU A 224 13.25 -13.05 2.74
N PHE A 225 12.00 -13.22 3.08
CA PHE A 225 10.94 -12.68 2.30
C PHE A 225 10.32 -11.55 3.13
N GLU A 226 10.63 -11.53 4.43
CA GLU A 226 10.11 -10.53 5.38
C GLU A 226 11.22 -9.57 5.85
N PRO A 227 10.85 -8.40 6.42
CA PRO A 227 11.81 -7.38 6.87
C PRO A 227 12.94 -7.90 7.77
N PRO A 228 14.22 -7.70 7.37
CA PRO A 228 15.38 -7.99 8.21
C PRO A 228 15.33 -7.39 9.63
N GLU A 229 14.87 -6.15 9.77
CA GLU A 229 14.68 -5.51 11.11
C GLU A 229 13.80 -6.39 12.03
N ALA A 230 12.85 -7.10 11.41
CA ALA A 230 11.89 -7.92 12.13
C ALA A 230 12.46 -9.21 12.67
N LEU A 231 13.50 -9.73 12.04
CA LEU A 231 14.01 -11.03 12.42
C LEU A 231 15.16 -10.94 13.40
N PHE A 232 16.24 -10.28 12.98
CA PHE A 232 17.54 -10.43 13.62
C PHE A 232 17.83 -9.45 14.75
N GLY A 233 18.62 -9.93 15.71
CA GLY A 233 19.16 -9.10 16.81
C GLY A 233 20.69 -9.26 16.93
N GLY A 234 21.40 -9.03 15.83
CA GLY A 234 22.86 -9.08 15.82
C GLY A 234 23.36 -10.51 15.89
N GLU A 235 24.68 -10.69 15.86
CA GLU A 235 25.28 -12.03 15.87
C GLU A 235 24.81 -12.86 17.08
N ASP A 236 24.12 -12.22 18.01
CA ASP A 236 23.63 -12.85 19.24
C ASP A 236 22.13 -13.10 19.20
N GLY A 237 21.43 -12.20 18.55
CA GLY A 237 19.97 -12.20 18.56
C GLY A 237 19.41 -11.42 19.74
N LEU A 238 20.32 -10.88 20.57
CA LEU A 238 19.96 -10.28 21.86
C LEU A 238 20.02 -8.75 21.83
N ASP A 239 20.44 -8.18 20.71
CA ASP A 239 20.61 -6.74 20.59
C ASP A 239 19.44 -5.95 21.13
N PHE A 240 18.24 -6.41 20.84
CA PHE A 240 17.07 -5.75 21.36
C PHE A 240 17.09 -5.77 22.88
N TYR A 241 17.18 -6.96 23.47
CA TYR A 241 17.05 -7.15 24.92
C TYR A 241 18.03 -6.31 25.70
N ARG A 242 19.29 -6.34 25.27
CA ARG A 242 20.36 -5.57 25.93
C ARG A 242 20.01 -4.10 26.03
N GLU A 243 19.58 -3.54 24.90
CA GLU A 243 19.17 -2.14 24.87
C GLU A 243 17.98 -1.94 25.77
N PHE A 244 16.95 -2.77 25.61
CA PHE A 244 15.73 -2.56 26.39
C PHE A 244 16.02 -2.46 27.90
N PHE A 245 16.65 -3.49 28.45
CA PHE A 245 16.86 -3.55 29.88
C PHE A 245 17.92 -2.62 30.39
N GLY A 246 18.82 -2.20 29.52
CA GLY A 246 19.79 -1.15 29.84
C GLY A 246 19.11 0.21 29.89
N ARG A 247 18.28 0.50 28.90
CA ARG A 247 17.70 1.83 28.76
C ARG A 247 16.54 2.07 29.70
N TYR A 248 15.69 1.06 29.90
CA TYR A 248 14.44 1.26 30.62
C TYR A 248 14.41 0.63 32.01
N ASP A 249 13.95 1.43 32.98
CA ASP A 249 13.70 0.99 34.36
C ASP A 249 12.31 0.34 34.44
N THR A 250 12.28 -0.95 34.75
CA THR A 250 11.04 -1.71 34.74
C THR A 250 10.39 -1.87 36.12
N SER A 251 10.89 -1.16 37.12
CA SER A 251 10.34 -1.23 38.45
C SER A 251 8.84 -0.96 38.39
N GLY A 252 8.06 -1.80 39.07
CA GLY A 252 6.62 -1.64 39.13
C GLY A 252 5.85 -2.15 37.94
N LYS A 253 6.55 -2.59 36.91
CA LYS A 253 5.91 -3.00 35.66
C LYS A 253 5.99 -4.48 35.54
N ILE A 254 5.26 -5.02 34.54
CA ILE A 254 5.43 -6.40 34.08
C ILE A 254 5.93 -6.46 32.65
N VAL A 255 6.95 -7.28 32.41
CA VAL A 255 7.49 -7.48 31.08
C VAL A 255 7.29 -8.92 30.65
N LEU A 256 7.01 -9.09 29.38
CA LEU A 256 6.64 -10.37 28.83
C LEU A 256 6.94 -10.28 27.36
N MSE A 257 7.89 -11.10 26.91
CA MSE A 257 8.36 -11.02 25.57
C MSE A 257 8.66 -12.41 25.11
O MSE A 257 9.06 -13.26 25.91
CB MSE A 257 9.62 -10.17 25.48
CG MSE A 257 9.66 -9.01 26.39
SE MSE A 257 10.97 -7.60 25.96
CE MSE A 257 12.64 -8.44 26.73
N GLU A 258 8.44 -12.62 23.81
CA GLU A 258 8.77 -13.86 23.16
C GLU A 258 10.26 -13.85 22.92
N ILE A 259 10.83 -15.05 22.88
CA ILE A 259 12.28 -15.28 22.77
C ILE A 259 12.62 -16.53 21.93
N GLY A 260 13.86 -16.59 21.46
CA GLY A 260 14.35 -17.76 20.73
C GLY A 260 14.56 -18.92 21.68
N GLU A 261 14.33 -20.13 21.20
CA GLU A 261 14.58 -21.35 21.99
C GLU A 261 15.87 -21.30 22.82
N ASP A 262 16.99 -21.01 22.16
CA ASP A 262 18.34 -21.18 22.77
C ASP A 262 18.79 -20.16 23.83
N GLN A 263 18.13 -19.01 23.92
CA GLN A 263 18.68 -17.86 24.61
C GLN A 263 18.38 -17.75 26.11
N VAL A 264 17.74 -18.75 26.70
CA VAL A 264 17.38 -18.72 28.12
C VAL A 264 18.57 -18.38 29.04
N GLU A 265 19.64 -19.16 28.94
CA GLU A 265 20.78 -19.00 29.83
C GLU A 265 21.50 -17.67 29.64
N GLU A 266 21.53 -17.16 28.42
CA GLU A 266 22.22 -15.88 28.16
C GLU A 266 21.35 -14.73 28.59
N LEU A 267 20.05 -14.88 28.41
CA LEU A 267 19.11 -13.88 28.87
C LEU A 267 19.16 -13.72 30.39
N LYS A 268 19.28 -14.84 31.10
CA LYS A 268 19.49 -14.77 32.56
C LYS A 268 20.70 -13.90 32.94
N LYS A 269 21.63 -13.70 32.01
CA LYS A 269 22.78 -12.84 32.26
C LYS A 269 22.51 -11.39 31.91
N ILE A 270 21.51 -11.13 31.09
CA ILE A 270 21.08 -9.76 30.81
C ILE A 270 20.15 -9.26 31.92
N VAL A 271 19.18 -10.08 32.31
CA VAL A 271 18.27 -9.75 33.40
C VAL A 271 18.21 -10.85 34.42
N SER A 272 18.30 -10.49 35.68
CA SER A 272 18.06 -11.42 36.76
C SER A 272 16.65 -11.16 37.29
N ASP A 273 16.13 -12.15 38.02
CA ASP A 273 14.73 -12.21 38.53
C ASP A 273 13.75 -12.66 37.47
N THR A 274 14.24 -12.90 36.26
CA THR A 274 13.37 -13.16 35.13
C THR A 274 12.94 -14.59 35.21
N VAL A 275 11.70 -14.84 34.77
CA VAL A 275 11.15 -16.20 34.65
C VAL A 275 11.02 -16.50 33.16
N PHE A 276 11.01 -17.79 32.81
CA PHE A 276 11.00 -18.23 31.41
C PHE A 276 10.01 -19.37 31.23
N LEU A 277 9.14 -19.23 30.25
CA LEU A 277 8.03 -20.15 30.10
C LEU A 277 8.21 -21.10 28.93
N LYS A 278 7.81 -22.35 29.13
CA LYS A 278 7.74 -23.30 28.03
C LYS A 278 6.47 -23.03 27.26
N ASP A 279 6.45 -23.41 25.98
CA ASP A 279 5.25 -23.27 25.13
C ASP A 279 4.57 -24.63 24.96
N SER A 280 3.61 -24.73 24.03
CA SER A 280 2.95 -25.99 23.70
C SER A 280 3.95 -27.06 23.32
N ALA A 281 4.99 -26.68 22.59
CA ALA A 281 6.01 -27.66 22.18
C ALA A 281 6.85 -28.13 23.39
N GLY A 282 6.83 -27.33 24.46
CA GLY A 282 7.61 -27.63 25.69
C GLY A 282 8.99 -27.00 25.64
N LYS A 283 9.09 -25.98 24.78
CA LYS A 283 10.32 -25.26 24.55
C LYS A 283 10.14 -23.85 25.09
N TYR A 284 11.21 -23.33 25.69
CA TYR A 284 11.16 -21.99 26.27
C TYR A 284 10.93 -20.98 25.17
N ARG A 285 9.97 -20.10 25.39
CA ARG A 285 9.50 -19.20 24.34
C ARG A 285 9.21 -17.80 24.82
N PHE A 286 9.08 -17.62 26.14
CA PHE A 286 8.78 -16.31 26.75
C PHE A 286 9.57 -16.03 28.02
N LEU A 287 10.07 -14.81 28.13
CA LEU A 287 10.59 -14.34 29.39
C LEU A 287 9.53 -13.49 30.07
N LEU A 288 9.54 -13.52 31.39
CA LEU A 288 8.54 -12.90 32.21
C LEU A 288 9.19 -12.23 33.41
N LEU A 289 9.27 -10.91 33.35
CA LEU A 289 9.72 -10.15 34.49
C LEU A 289 8.54 -9.52 35.17
N ASN A 290 8.16 -10.04 36.33
CA ASN A 290 7.10 -9.42 37.12
C ASN A 290 7.68 -8.57 38.25
N ARG A 291 7.68 -7.26 38.02
CA ARG A 291 8.08 -6.29 39.01
C ARG A 291 6.87 -5.53 39.52
N ARG A 292 5.68 -6.02 39.24
CA ARG A 292 4.49 -5.39 39.78
C ARG A 292 4.52 -5.60 41.26
N SER A 293 4.31 -4.53 42.01
CA SER A 293 4.38 -4.68 43.46
C SER A 293 3.00 -4.74 44.13
N SER A 294 3.01 -5.40 45.28
CA SER A 294 2.14 -5.04 46.40
C SER A 294 2.97 -4.30 47.49
N ARG B 24 28.45 11.01 5.42
CA ARG B 24 28.08 12.14 6.34
C ARG B 24 27.76 13.43 5.57
N LYS B 25 28.79 14.08 5.02
CA LYS B 25 28.62 15.34 4.27
C LYS B 25 27.43 15.32 3.27
N ILE B 26 26.38 16.05 3.61
CA ILE B 26 25.13 16.06 2.83
C ILE B 26 25.28 16.40 1.33
N TRP B 27 26.03 17.46 1.06
CA TRP B 27 26.10 18.02 -0.30
C TRP B 27 27.01 17.21 -1.16
N SER B 28 28.05 16.66 -0.55
CA SER B 28 28.93 15.74 -1.24
C SER B 28 28.12 14.52 -1.68
N LEU B 29 27.27 14.03 -0.79
CA LEU B 29 26.41 12.90 -1.13
C LEU B 29 25.59 13.19 -2.35
N ILE B 30 24.96 14.35 -2.37
CA ILE B 30 24.06 14.74 -3.45
C ILE B 30 24.76 14.74 -4.83
N ARG B 31 25.98 15.23 -4.84
CA ARG B 31 26.81 15.26 -6.04
C ARG B 31 27.10 13.85 -6.58
N ASP B 32 27.57 12.96 -5.71
CA ASP B 32 27.78 11.53 -6.04
C ASP B 32 26.59 10.90 -6.76
N CYS B 33 25.40 11.20 -6.23
CA CYS B 33 24.18 10.58 -6.70
C CYS B 33 23.68 11.14 -8.00
N SER B 34 23.84 12.45 -8.15
CA SER B 34 23.47 13.15 -9.37
C SER B 34 23.95 12.36 -10.59
N GLY B 35 25.27 12.11 -10.63
CA GLY B 35 25.91 11.34 -11.72
C GLY B 35 25.23 10.02 -12.01
N LYS B 36 24.78 9.33 -10.97
CA LYS B 36 24.17 8.01 -11.13
C LYS B 36 22.86 8.01 -11.95
N LEU B 37 22.30 9.18 -12.17
CA LEU B 37 21.02 9.26 -12.88
C LEU B 37 21.12 9.99 -14.22
N GLU B 38 22.35 10.09 -14.74
CA GLU B 38 22.62 10.84 -15.98
C GLU B 38 21.95 10.25 -17.19
N GLY B 39 21.84 8.93 -17.19
CA GLY B 39 21.28 8.19 -18.32
C GLY B 39 19.81 7.88 -18.11
N VAL B 40 19.22 8.56 -17.13
CA VAL B 40 17.82 8.36 -16.77
C VAL B 40 17.02 9.65 -16.90
N THR B 41 17.66 10.77 -16.55
CA THR B 41 17.03 12.07 -16.54
C THR B 41 18.10 13.09 -16.89
N GLU B 42 17.67 14.19 -17.50
CA GLU B 42 18.57 15.33 -17.70
C GLU B 42 18.71 16.15 -16.38
N THR B 43 17.65 16.17 -15.56
CA THR B 43 17.65 16.94 -14.30
C THR B 43 17.93 16.02 -13.09
N SER B 44 19.15 15.50 -13.06
CA SER B 44 19.56 14.49 -12.08
C SER B 44 19.65 15.04 -10.66
N VAL B 45 20.24 16.22 -10.52
CA VAL B 45 20.49 16.79 -9.21
C VAL B 45 19.19 17.04 -8.47
N LEU B 46 18.23 17.66 -9.15
CA LEU B 46 16.90 17.90 -8.63
C LEU B 46 16.25 16.64 -8.13
N GLU B 47 16.47 15.55 -8.86
CA GLU B 47 15.90 14.28 -8.48
C GLU B 47 16.50 13.76 -7.18
N VAL B 48 17.78 14.03 -7.00
CA VAL B 48 18.45 13.63 -5.78
C VAL B 48 17.92 14.49 -4.64
N LEU B 49 17.91 15.81 -4.85
CA LEU B 49 17.42 16.74 -3.85
C LEU B 49 16.07 16.27 -3.35
N LEU B 50 15.22 15.93 -4.29
CA LEU B 50 13.93 15.45 -3.95
C LEU B 50 14.02 14.18 -3.14
N ILE B 51 14.85 13.23 -3.59
CA ILE B 51 14.95 11.95 -2.88
C ILE B 51 15.42 12.19 -1.45
N VAL B 52 16.45 13.00 -1.33
CA VAL B 52 16.99 13.30 -0.01
C VAL B 52 15.93 13.92 0.88
N SER B 53 15.23 14.91 0.33
CA SER B 53 14.19 15.58 1.08
C SER B 53 13.23 14.53 1.63
N ARG B 54 12.67 13.73 0.75
CA ARG B 54 11.67 12.72 1.14
C ARG B 54 12.20 11.73 2.19
N VAL B 55 13.46 11.30 2.06
CA VAL B 55 14.04 10.33 3.00
C VAL B 55 14.20 10.96 4.37
N LEU B 56 14.65 12.21 4.38
CA LEU B 56 14.82 12.95 5.62
C LEU B 56 13.50 13.40 6.21
N GLY B 57 12.42 13.30 5.43
CA GLY B 57 11.08 13.68 5.89
C GLY B 57 10.97 15.18 6.06
N ILE B 58 11.48 15.90 5.06
CA ILE B 58 11.64 17.36 5.10
C ILE B 58 11.09 18.01 3.82
N ARG B 59 10.93 19.33 3.85
CA ARG B 59 10.47 20.08 2.69
C ARG B 59 11.66 20.48 1.80
N LYS B 60 11.49 20.37 0.47
CA LYS B 60 12.52 20.76 -0.53
C LYS B 60 13.32 21.99 -0.12
N GLU B 61 12.62 22.92 0.51
CA GLU B 61 13.11 24.27 0.70
C GLU B 61 13.93 24.38 1.96
N ASP B 62 13.87 23.37 2.82
CA ASP B 62 14.64 23.39 4.06
C ASP B 62 16.01 22.74 3.87
N LEU B 63 16.23 22.10 2.71
CA LEU B 63 17.53 21.48 2.40
C LEU B 63 18.71 22.45 2.55
N PHE B 64 18.40 23.71 2.80
CA PHE B 64 19.42 24.69 2.99
C PHE B 64 19.83 24.80 4.44
N LEU B 65 20.85 24.01 4.77
CA LEU B 65 21.94 24.44 5.68
C LEU B 65 23.25 24.28 4.84
N LYS B 66 24.20 25.21 5.00
CA LYS B 66 25.45 25.20 4.20
C LYS B 66 26.59 24.36 4.86
N ASP B 67 26.33 23.06 5.03
CA ASP B 67 27.25 22.16 5.76
C ASP B 67 26.84 20.67 5.67
N LEU B 68 25.81 20.28 6.43
CA LEU B 68 25.51 18.85 6.70
C LEU B 68 24.01 18.52 6.98
N GLY B 69 23.75 17.29 7.44
CA GLY B 69 22.48 16.91 8.09
C GLY B 69 21.88 15.55 7.74
N VAL B 70 22.65 14.47 7.83
CA VAL B 70 22.12 13.12 7.50
C VAL B 70 22.86 11.99 8.23
N SER B 71 22.12 10.98 8.68
CA SER B 71 22.63 9.89 9.55
C SER B 71 22.89 8.60 8.78
N PRO B 72 23.70 7.68 9.34
CA PRO B 72 24.09 6.46 8.63
C PRO B 72 22.95 5.70 7.94
N THR B 73 21.87 5.39 8.65
CA THR B 73 20.80 4.58 8.05
C THR B 73 20.05 5.40 6.99
N GLU B 74 19.89 6.69 7.24
CA GLU B 74 19.34 7.60 6.24
C GLU B 74 20.20 7.60 4.97
N GLU B 75 21.51 7.62 5.13
CA GLU B 75 22.44 7.59 4.01
C GLU B 75 22.19 6.37 3.13
N LYS B 76 22.00 5.20 3.74
CA LYS B 76 21.85 3.94 3.00
C LYS B 76 20.54 3.89 2.22
N ARG B 77 19.48 4.38 2.86
CA ARG B 77 18.16 4.49 2.23
C ARG B 77 18.22 5.30 0.94
N ILE B 78 18.83 6.47 1.02
CA ILE B 78 19.03 7.33 -0.14
C ILE B 78 19.69 6.57 -1.27
N LEU B 79 20.72 5.82 -0.93
CA LEU B 79 21.48 5.09 -1.93
C LEU B 79 20.60 4.03 -2.58
N GLU B 80 19.86 3.29 -1.77
CA GLU B 80 18.89 2.33 -2.29
C GLU B 80 17.99 3.01 -3.32
N LEU B 81 17.44 4.15 -2.94
CA LEU B 81 16.43 4.82 -3.77
C LEU B 81 17.03 5.40 -5.05
N VAL B 82 18.26 5.88 -4.96
CA VAL B 82 18.98 6.31 -6.16
C VAL B 82 19.20 5.10 -7.06
N GLU B 83 19.59 3.97 -6.48
CA GLU B 83 19.76 2.74 -7.25
C GLU B 83 18.43 2.37 -7.92
N LYS B 84 17.36 2.40 -7.13
CA LYS B 84 16.02 2.07 -7.65
C LYS B 84 15.68 2.95 -8.85
N ARG B 85 15.86 4.27 -8.71
CA ARG B 85 15.64 5.20 -9.81
C ARG B 85 16.64 4.97 -10.95
N ALA B 86 17.89 4.67 -10.61
CA ALA B 86 18.93 4.41 -11.62
C ALA B 86 18.46 3.44 -12.67
N SER B 87 17.92 2.30 -12.24
CA SER B 87 17.42 1.28 -13.17
C SER B 87 16.36 1.85 -14.11
N GLY B 88 15.49 2.73 -13.60
CA GLY B 88 14.44 3.35 -14.41
C GLY B 88 13.14 3.65 -13.68
N TYR B 89 12.83 2.83 -12.69
CA TYR B 89 11.71 3.05 -11.76
C TYR B 89 11.34 4.54 -11.70
N PRO B 90 10.09 4.89 -12.05
CA PRO B 90 9.65 6.28 -12.00
C PRO B 90 9.97 7.00 -10.69
N LEU B 91 10.43 8.23 -10.80
CA LEU B 91 10.74 9.05 -9.65
C LEU B 91 9.58 9.15 -8.68
N HIS B 92 8.37 9.28 -9.24
CA HIS B 92 7.23 9.73 -8.45
C HIS B 92 6.61 8.62 -7.62
N TYR B 93 6.87 7.36 -8.00
CA TYR B 93 6.50 6.23 -7.15
C TYR B 93 7.26 6.29 -5.82
N ILE B 94 8.53 6.70 -5.87
CA ILE B 94 9.36 6.77 -4.67
C ILE B 94 8.97 7.92 -3.75
N LEU B 95 8.68 9.10 -4.32
CA LEU B 95 8.23 10.24 -3.52
C LEU B 95 6.83 10.00 -2.98
N GLY B 96 6.09 9.09 -3.62
CA GLY B 96 4.72 8.78 -3.24
C GLY B 96 3.77 9.92 -3.56
N GLU B 97 4.14 10.72 -4.56
CA GLU B 97 3.50 12.00 -4.79
C GLU B 97 3.76 12.54 -6.21
N LYS B 98 2.74 13.22 -6.75
CA LYS B 98 2.83 13.99 -8.02
C LYS B 98 1.96 15.28 -8.02
N GLU B 99 2.56 16.42 -8.41
CA GLU B 99 1.81 17.63 -8.69
C GLU B 99 1.07 17.46 -10.00
N PHE B 100 -0.22 17.70 -9.97
CA PHE B 100 -0.97 17.82 -11.19
C PHE B 100 -1.99 18.88 -10.88
N MSE B 101 -1.99 19.94 -11.70
CA MSE B 101 -2.85 21.11 -11.49
C MSE B 101 -2.46 21.86 -10.21
O MSE B 101 -3.31 22.38 -9.48
CB MSE B 101 -4.33 20.70 -11.42
CG MSE B 101 -4.87 20.13 -12.70
SE MSE B 101 -4.82 21.53 -14.06
CE MSE B 101 -6.45 22.67 -13.48
N GLY B 102 -1.17 21.90 -9.92
CA GLY B 102 -0.70 22.43 -8.66
C GLY B 102 -1.32 21.77 -7.43
N LEU B 103 -1.91 20.57 -7.58
CA LEU B 103 -2.43 19.77 -6.45
C LEU B 103 -1.51 18.58 -6.30
N SER B 104 -1.28 18.20 -5.04
CA SER B 104 -0.42 17.07 -4.71
C SER B 104 -1.19 15.77 -4.72
N PHE B 105 -0.98 14.97 -5.77
CA PHE B 105 -1.62 13.66 -5.95
C PHE B 105 -0.73 12.48 -5.55
N LEU B 106 -1.26 11.61 -4.70
CA LEU B 106 -0.59 10.38 -4.33
C LEU B 106 -0.49 9.44 -5.52
N VAL B 107 0.63 8.73 -5.61
CA VAL B 107 0.76 7.64 -6.56
C VAL B 107 1.62 6.53 -5.94
N GLU B 108 1.47 5.33 -6.48
CA GLU B 108 2.25 4.19 -6.08
C GLU B 108 2.10 3.11 -7.16
N GLU B 109 3.02 2.14 -7.19
CA GLU B 109 2.94 1.04 -8.17
C GLU B 109 1.50 0.64 -8.45
N GLY B 110 1.20 0.42 -9.71
CA GLY B 110 -0.15 0.04 -10.12
C GLY B 110 -1.04 1.21 -10.52
N VAL B 111 -0.62 2.42 -10.19
CA VAL B 111 -1.29 3.59 -10.65
C VAL B 111 -0.43 4.31 -11.66
N PHE B 112 -1.07 4.69 -12.77
CA PHE B 112 -0.49 5.51 -13.80
C PHE B 112 -0.23 6.88 -13.19
N VAL B 113 0.97 7.42 -13.43
CA VAL B 113 1.38 8.72 -12.87
C VAL B 113 0.98 9.79 -13.84
N PRO B 114 0.30 10.83 -13.35
CA PRO B 114 -0.21 11.90 -14.21
C PRO B 114 0.85 12.54 -15.08
N ARG B 115 0.54 12.73 -16.36
CA ARG B 115 1.40 13.51 -17.25
C ARG B 115 0.89 14.94 -17.35
N PRO B 116 1.81 15.88 -17.62
CA PRO B 116 1.40 17.29 -17.59
C PRO B 116 0.44 17.69 -18.73
N GLU B 117 0.36 16.91 -19.81
CA GLU B 117 -0.52 17.28 -20.94
C GLU B 117 -1.96 17.18 -20.50
N THR B 118 -2.22 16.25 -19.61
CA THR B 118 -3.56 16.05 -19.15
C THR B 118 -4.08 17.34 -18.51
N GLU B 119 -3.19 18.16 -17.98
CA GLU B 119 -3.63 19.41 -17.42
C GLU B 119 -4.44 20.15 -18.46
N GLU B 120 -3.92 20.24 -19.67
CA GLU B 120 -4.62 20.96 -20.74
C GLU B 120 -6.04 20.41 -20.95
N LEU B 121 -6.21 19.11 -20.77
CA LEU B 121 -7.53 18.54 -20.83
C LEU B 121 -8.40 19.14 -19.73
N VAL B 122 -7.95 19.05 -18.49
CA VAL B 122 -8.71 19.59 -17.37
C VAL B 122 -9.06 21.05 -17.57
N GLU B 123 -8.16 21.82 -18.18
CA GLU B 123 -8.44 23.24 -18.35
C GLU B 123 -9.51 23.44 -19.40
N LEU B 124 -9.56 22.57 -20.41
CA LEU B 124 -10.58 22.66 -21.44
C LEU B 124 -11.96 22.25 -20.91
N ALA B 125 -11.94 21.20 -20.08
CA ALA B 125 -13.11 20.74 -19.37
C ALA B 125 -13.74 21.85 -18.54
N LEU B 126 -12.89 22.60 -17.86
CA LEU B 126 -13.34 23.56 -16.88
C LEU B 126 -14.02 24.72 -17.55
N GLU B 127 -13.46 25.17 -18.69
CA GLU B 127 -14.11 26.26 -19.45
C GLU B 127 -15.40 25.74 -20.03
N LEU B 128 -15.37 24.52 -20.50
CA LEU B 128 -16.59 23.94 -21.02
C LEU B 128 -17.65 24.00 -19.93
N ILE B 129 -17.23 23.78 -18.69
CA ILE B 129 -18.15 23.77 -17.56
C ILE B 129 -18.72 25.19 -17.30
N ARG B 130 -17.88 26.19 -17.45
CA ARG B 130 -18.25 27.56 -17.24
C ARG B 130 -19.19 28.03 -18.35
N LYS B 131 -18.80 27.75 -19.58
CA LYS B 131 -19.59 28.08 -20.75
C LYS B 131 -21.03 27.55 -20.62
N TYR B 132 -21.16 26.24 -20.36
CA TYR B 132 -22.44 25.56 -20.33
C TYR B 132 -23.08 25.41 -18.92
N GLY B 133 -22.37 25.84 -17.89
CA GLY B 133 -22.87 25.74 -16.53
C GLY B 133 -23.17 24.29 -16.20
N ILE B 134 -22.21 23.41 -16.54
CA ILE B 134 -22.35 21.97 -16.39
C ILE B 134 -22.27 21.59 -14.93
N LYS B 135 -23.07 20.62 -14.51
CA LYS B 135 -23.11 20.23 -13.13
C LYS B 135 -22.64 18.81 -12.86
N THR B 136 -22.64 17.97 -13.90
CA THR B 136 -22.41 16.51 -13.74
C THR B 136 -21.48 15.95 -14.80
N VAL B 137 -20.43 15.30 -14.35
CA VAL B 137 -19.28 14.99 -15.17
C VAL B 137 -18.75 13.59 -14.80
N ALA B 138 -18.17 12.91 -15.78
CA ALA B 138 -17.71 11.57 -15.55
C ALA B 138 -16.26 11.47 -16.01
N ASP B 139 -15.46 10.67 -15.32
CA ASP B 139 -14.03 10.50 -15.65
C ASP B 139 -13.74 8.99 -15.71
N ILE B 140 -13.54 8.49 -16.91
CA ILE B 140 -13.39 7.06 -17.14
C ILE B 140 -11.91 6.72 -17.07
N GLY B 141 -11.53 5.87 -16.13
CA GLY B 141 -10.16 5.44 -15.99
C GLY B 141 -9.48 6.52 -15.22
N THR B 142 -10.01 6.75 -14.02
CA THR B 142 -9.66 7.90 -13.22
C THR B 142 -8.16 7.92 -12.92
N GLY B 143 -7.59 6.73 -12.72
CA GLY B 143 -6.19 6.58 -12.35
C GLY B 143 -5.99 7.12 -10.95
N SER B 144 -4.96 7.94 -10.79
CA SER B 144 -4.67 8.56 -9.50
C SER B 144 -5.85 9.44 -9.03
N GLY B 145 -6.82 9.65 -9.92
CA GLY B 145 -7.94 10.54 -9.71
C GLY B 145 -7.66 11.87 -10.34
N ALA B 146 -6.49 11.98 -10.96
CA ALA B 146 -5.95 13.27 -11.37
C ALA B 146 -6.95 14.21 -12.10
N ILE B 147 -7.77 13.69 -12.99
CA ILE B 147 -8.68 14.55 -13.75
C ILE B 147 -9.98 14.87 -12.99
N GLY B 148 -10.65 13.83 -12.51
CA GLY B 148 -11.90 13.98 -11.75
C GLY B 148 -11.74 14.82 -10.51
N VAL B 149 -10.74 14.51 -9.70
CA VAL B 149 -10.49 15.27 -8.48
C VAL B 149 -10.27 16.73 -8.84
N SER B 150 -9.43 16.98 -9.84
CA SER B 150 -9.13 18.35 -10.26
C SER B 150 -10.35 19.12 -10.73
N VAL B 151 -11.20 18.49 -11.51
CA VAL B 151 -12.39 19.15 -12.00
C VAL B 151 -13.33 19.46 -10.83
N ALA B 152 -13.44 18.47 -9.96
CA ALA B 152 -14.24 18.60 -8.77
C ALA B 152 -13.69 19.67 -7.84
N LYS B 153 -12.38 19.88 -7.81
CA LYS B 153 -11.78 20.83 -6.83
C LYS B 153 -11.97 22.22 -7.31
N PHE B 154 -11.88 22.39 -8.63
CA PHE B 154 -11.89 23.70 -9.25
C PHE B 154 -13.23 24.05 -9.90
N SER B 155 -14.32 23.38 -9.52
CA SER B 155 -15.65 23.79 -9.94
C SER B 155 -16.68 23.21 -9.01
N ASP B 156 -17.95 23.50 -9.30
CA ASP B 156 -19.10 22.91 -8.59
C ASP B 156 -19.56 21.56 -9.08
N ALA B 157 -18.90 21.01 -10.09
CA ALA B 157 -19.41 19.81 -10.72
C ALA B 157 -19.26 18.63 -9.77
N ILE B 158 -20.08 17.60 -9.95
CA ILE B 158 -19.84 16.34 -9.30
C ILE B 158 -19.32 15.37 -10.33
N VAL B 159 -18.45 14.47 -9.88
CA VAL B 159 -17.73 13.60 -10.76
C VAL B 159 -17.95 12.14 -10.40
N PHE B 160 -18.25 11.34 -11.41
CA PHE B 160 -18.36 9.92 -11.28
C PHE B 160 -17.19 9.32 -12.02
N ALA B 161 -16.49 8.42 -11.33
CA ALA B 161 -15.25 7.94 -11.86
C ALA B 161 -15.16 6.46 -11.74
N THR B 162 -14.49 5.88 -12.72
CA THR B 162 -14.31 4.44 -12.78
C THR B 162 -12.86 4.05 -13.06
N ASP B 163 -12.54 2.81 -12.75
CA ASP B 163 -11.27 2.23 -13.16
C ASP B 163 -11.40 0.75 -12.96
N VAL B 164 -11.00 0.00 -13.98
CA VAL B 164 -10.80 -1.45 -13.87
C VAL B 164 -9.89 -1.88 -12.69
N SER B 165 -8.99 -1.00 -12.23
CA SER B 165 -8.04 -1.36 -11.17
C SER B 165 -8.50 -0.98 -9.77
N SER B 166 -8.39 -1.91 -8.82
CA SER B 166 -8.76 -1.63 -7.45
C SER B 166 -7.77 -0.71 -6.74
N LYS B 167 -6.48 -0.73 -7.10
CA LYS B 167 -5.51 0.18 -6.43
C LYS B 167 -5.89 1.59 -6.81
N ALA B 168 -6.19 1.78 -8.09
CA ALA B 168 -6.66 3.05 -8.64
C ALA B 168 -7.79 3.61 -7.79
N VAL B 169 -8.74 2.76 -7.46
CA VAL B 169 -9.94 3.21 -6.79
C VAL B 169 -9.65 3.62 -5.37
N GLU B 170 -8.74 2.91 -4.72
CA GLU B 170 -8.40 3.22 -3.33
C GLU B 170 -7.67 4.52 -3.31
N ILE B 171 -6.73 4.65 -4.24
CA ILE B 171 -5.90 5.85 -4.32
C ILE B 171 -6.75 7.07 -4.70
N ALA B 172 -7.61 6.93 -5.70
CA ALA B 172 -8.46 8.05 -6.11
C ALA B 172 -9.33 8.50 -4.93
N ARG B 173 -9.91 7.55 -4.19
CA ARG B 173 -10.73 7.89 -3.02
C ARG B 173 -9.96 8.62 -1.98
N LYS B 174 -8.69 8.22 -1.80
CA LYS B 174 -7.80 8.89 -0.84
C LYS B 174 -7.46 10.29 -1.36
N ASN B 175 -7.10 10.42 -2.63
CA ASN B 175 -6.79 11.74 -3.21
C ASN B 175 -7.93 12.69 -3.17
N ALA B 176 -9.16 12.24 -3.47
CA ALA B 176 -10.34 13.13 -3.34
C ALA B 176 -10.54 13.58 -1.91
N GLU B 177 -10.49 12.61 -0.99
CA GLU B 177 -10.61 12.94 0.42
C GLU B 177 -9.50 13.89 0.86
N ARG B 178 -8.32 13.68 0.30
CA ARG B 178 -7.15 14.51 0.60
C ARG B 178 -7.24 15.91 0.01
N HIS B 179 -8.29 16.21 -0.75
CA HIS B 179 -8.49 17.54 -1.31
C HIS B 179 -9.89 18.04 -1.05
N GLY B 180 -10.59 17.40 -0.11
CA GLY B 180 -11.91 17.83 0.37
C GLY B 180 -13.05 17.71 -0.63
N VAL B 181 -12.90 16.84 -1.60
CA VAL B 181 -13.91 16.72 -2.63
C VAL B 181 -14.58 15.36 -2.58
N SER B 182 -14.42 14.65 -1.50
CA SER B 182 -15.10 13.38 -1.36
C SER B 182 -16.61 13.56 -1.46
N ASP B 183 -17.14 14.68 -0.98
CA ASP B 183 -18.59 14.92 -1.07
C ASP B 183 -19.05 15.08 -2.53
N ARG B 184 -18.13 15.32 -3.47
CA ARG B 184 -18.51 15.53 -4.87
C ARG B 184 -17.76 14.69 -5.95
N PHE B 185 -16.91 13.75 -5.54
CA PHE B 185 -16.17 12.90 -6.47
C PHE B 185 -16.35 11.48 -6.03
N PHE B 186 -17.11 10.71 -6.80
CA PHE B 186 -17.43 9.32 -6.46
C PHE B 186 -16.78 8.33 -7.41
N VAL B 187 -16.10 7.33 -6.86
CA VAL B 187 -15.43 6.40 -7.77
C VAL B 187 -15.85 4.97 -7.46
N ARG B 188 -15.97 4.19 -8.52
CA ARG B 188 -16.35 2.77 -8.42
C ARG B 188 -15.53 1.93 -9.38
N LYS B 189 -15.32 0.65 -9.05
CA LYS B 189 -14.54 -0.26 -9.89
C LYS B 189 -15.41 -0.81 -11.02
N GLY B 190 -14.87 -0.80 -12.22
CA GLY B 190 -15.55 -1.33 -13.41
C GLY B 190 -14.97 -0.75 -14.68
N GLU B 191 -15.55 -1.09 -15.81
CA GLU B 191 -15.09 -0.57 -17.08
C GLU B 191 -16.07 0.46 -17.63
N PHE B 192 -15.53 1.45 -18.33
CA PHE B 192 -16.33 2.49 -18.91
C PHE B 192 -17.32 3.07 -17.85
N LEU B 193 -18.63 3.08 -18.12
CA LEU B 193 -19.63 3.55 -17.13
C LEU B 193 -20.58 2.42 -16.73
N GLU B 194 -20.07 1.20 -16.70
CA GLU B 194 -20.90 0.07 -16.28
C GLU B 194 -21.28 0.24 -14.81
N PRO B 195 -20.36 0.75 -13.97
CA PRO B 195 -20.79 0.88 -12.57
C PRO B 195 -21.71 2.08 -12.33
N PHE B 196 -21.99 2.87 -13.37
CA PHE B 196 -22.92 3.99 -13.23
C PHE B 196 -23.95 3.96 -14.33
N LYS B 197 -24.53 2.81 -14.66
CA LYS B 197 -25.55 2.82 -15.70
C LYS B 197 -26.72 3.68 -15.22
N GLU B 198 -26.92 3.65 -13.90
CA GLU B 198 -27.95 4.41 -13.20
C GLU B 198 -27.92 5.92 -13.45
N LYS B 199 -26.70 6.43 -13.70
CA LYS B 199 -26.41 7.86 -13.78
C LYS B 199 -26.06 8.32 -15.22
N PHE B 200 -26.13 7.42 -16.19
CA PHE B 200 -25.67 7.75 -17.51
C PHE B 200 -26.47 8.88 -18.08
N ALA B 201 -27.78 8.81 -17.87
CA ALA B 201 -28.72 9.83 -18.37
C ALA B 201 -28.25 11.22 -18.00
N SER B 202 -28.01 11.40 -16.71
CA SER B 202 -27.72 12.69 -16.17
C SER B 202 -26.28 13.17 -16.47
N ILE B 203 -25.40 12.33 -17.03
CA ILE B 203 -24.04 12.79 -17.28
C ILE B 203 -24.00 13.74 -18.46
N GLU B 204 -23.48 14.93 -18.21
CA GLU B 204 -23.40 15.96 -19.25
C GLU B 204 -22.07 15.88 -19.97
N MSE B 205 -21.05 15.39 -19.32
CA MSE B 205 -19.74 15.41 -19.94
C MSE B 205 -18.86 14.25 -19.50
O MSE B 205 -18.66 14.01 -18.30
CB MSE B 205 -19.07 16.72 -19.63
CG MSE B 205 -17.69 16.87 -20.20
SE MSE B 205 -17.03 18.76 -19.98
CE MSE B 205 -18.21 19.68 -21.37
N ILE B 206 -18.34 13.55 -20.48
CA ILE B 206 -17.51 12.39 -20.23
C ILE B 206 -16.07 12.74 -20.53
N LEU B 207 -15.19 12.45 -19.57
CA LEU B 207 -13.80 12.74 -19.71
C LEU B 207 -12.99 11.47 -19.56
N SER B 208 -11.90 11.44 -20.29
CA SER B 208 -10.96 10.37 -20.14
C SER B 208 -9.65 10.75 -20.71
N ASN B 209 -8.62 10.30 -20.02
CA ASN B 209 -7.30 10.13 -20.62
C ASN B 209 -7.13 8.65 -20.61
N PRO B 210 -7.46 8.01 -21.73
CA PRO B 210 -7.45 6.57 -21.70
C PRO B 210 -6.09 6.04 -22.17
N PRO B 211 -5.94 4.72 -22.18
CA PRO B 211 -4.82 4.07 -22.89
C PRO B 211 -4.92 4.17 -24.41
N TYR B 212 -4.08 4.98 -25.05
CA TYR B 212 -4.10 5.13 -26.52
C TYR B 212 -2.84 4.60 -27.27
N VAL B 213 -1.98 3.83 -26.61
CA VAL B 213 -0.68 3.39 -27.21
C VAL B 213 -0.78 1.98 -27.87
N LYS B 214 -0.07 1.79 -28.96
CA LYS B 214 -0.04 0.50 -29.65
C LYS B 214 0.62 -0.63 -28.85
N SER B 215 0.07 -1.85 -28.99
CA SER B 215 0.65 -3.08 -28.40
C SER B 215 2.10 -3.30 -28.84
N SER B 216 2.43 -2.74 -29.99
CA SER B 216 3.76 -2.75 -30.53
C SER B 216 4.39 -1.37 -30.33
N LEU B 224 7.69 -0.83 -19.48
CA LEU B 224 6.68 -0.66 -18.44
C LEU B 224 7.36 -0.53 -17.10
N PHE B 225 7.20 0.62 -16.48
CA PHE B 225 7.29 0.70 -15.06
C PHE B 225 5.87 0.83 -14.51
N GLU B 226 4.93 1.26 -15.37
CA GLU B 226 3.56 1.52 -14.98
C GLU B 226 2.60 0.49 -15.62
N PRO B 227 1.40 0.29 -15.04
CA PRO B 227 0.34 -0.60 -15.53
C PRO B 227 0.09 -0.67 -17.07
N PRO B 228 0.41 -1.82 -17.70
CA PRO B 228 -0.03 -2.12 -19.08
C PRO B 228 -1.47 -1.69 -19.45
N GLU B 229 -2.46 -1.98 -18.61
CA GLU B 229 -3.87 -1.54 -18.85
C GLU B 229 -3.98 -0.03 -19.12
N ALA B 230 -3.15 0.74 -18.43
CA ALA B 230 -3.16 2.19 -18.51
C ALA B 230 -2.57 2.74 -19.82
N LEU B 231 -1.67 2.00 -20.47
CA LEU B 231 -0.98 2.51 -21.68
C LEU B 231 -1.62 2.09 -23.00
N PHE B 232 -1.74 0.77 -23.21
CA PHE B 232 -2.04 0.24 -24.55
C PHE B 232 -3.53 0.08 -24.89
N GLY B 233 -3.84 0.27 -26.17
CA GLY B 233 -5.16 0.02 -26.72
C GLY B 233 -5.10 -0.90 -27.92
N GLY B 234 -4.46 -2.06 -27.76
CA GLY B 234 -4.37 -3.04 -28.83
C GLY B 234 -3.37 -2.59 -29.87
N GLU B 235 -3.16 -3.44 -30.87
CA GLU B 235 -2.20 -3.16 -31.96
C GLU B 235 -2.48 -1.81 -32.66
N ASP B 236 -3.64 -1.22 -32.36
CA ASP B 236 -4.05 0.05 -32.94
C ASP B 236 -3.88 1.20 -31.94
N GLY B 237 -4.15 0.91 -30.66
CA GLY B 237 -4.24 1.94 -29.63
C GLY B 237 -5.67 2.42 -29.43
N LEU B 238 -6.58 1.91 -30.26
CA LEU B 238 -7.94 2.44 -30.37
C LEU B 238 -9.01 1.51 -29.72
N ASP B 239 -8.59 0.35 -29.23
CA ASP B 239 -9.48 -0.58 -28.52
C ASP B 239 -10.50 0.13 -27.65
N PHE B 240 -10.04 1.08 -26.84
CA PHE B 240 -10.91 1.81 -25.94
C PHE B 240 -11.99 2.59 -26.69
N TYR B 241 -11.58 3.39 -27.65
CA TYR B 241 -12.48 4.31 -28.34
C TYR B 241 -13.54 3.56 -29.12
N ARG B 242 -13.17 2.47 -29.80
CA ARG B 242 -14.13 1.65 -30.56
C ARG B 242 -15.23 1.11 -29.66
N GLU B 243 -14.85 0.56 -28.50
CA GLU B 243 -15.83 0.10 -27.53
C GLU B 243 -16.69 1.24 -27.06
N PHE B 244 -16.06 2.30 -26.63
CA PHE B 244 -16.80 3.39 -26.04
C PHE B 244 -17.93 3.86 -26.95
N PHE B 245 -17.58 4.25 -28.18
CA PHE B 245 -18.54 4.85 -29.09
C PHE B 245 -19.48 3.84 -29.72
N GLY B 246 -19.12 2.56 -29.68
CA GLY B 246 -20.03 1.50 -30.06
C GLY B 246 -21.04 1.26 -28.94
N ARG B 247 -20.53 1.19 -27.71
CA ARG B 247 -21.34 0.82 -26.56
C ARG B 247 -22.27 1.95 -26.12
N TYR B 248 -21.76 3.17 -26.06
CA TYR B 248 -22.48 4.30 -25.45
C TYR B 248 -23.08 5.31 -26.43
N ASP B 249 -24.35 5.64 -26.20
CA ASP B 249 -25.00 6.71 -26.93
C ASP B 249 -24.67 8.05 -26.28
N THR B 250 -24.04 8.94 -27.05
CA THR B 250 -23.57 10.22 -26.55
C THR B 250 -24.50 11.40 -26.84
N SER B 251 -25.69 11.13 -27.38
CA SER B 251 -26.64 12.19 -27.65
C SER B 251 -26.84 13.09 -26.43
N GLY B 252 -26.76 14.41 -26.64
CA GLY B 252 -26.99 15.39 -25.57
C GLY B 252 -25.84 15.57 -24.58
N LYS B 253 -24.74 14.83 -24.78
CA LYS B 253 -23.58 14.90 -23.90
C LYS B 253 -22.45 15.63 -24.59
N ILE B 254 -21.38 15.90 -23.83
CA ILE B 254 -20.07 16.29 -24.38
C ILE B 254 -18.98 15.27 -24.04
N VAL B 255 -18.20 14.91 -25.04
CA VAL B 255 -17.09 14.02 -24.81
C VAL B 255 -15.80 14.75 -25.08
N LEU B 256 -14.80 14.43 -24.28
CA LEU B 256 -13.49 15.05 -24.39
C LEU B 256 -12.47 14.06 -23.87
N MSE B 257 -11.55 13.66 -24.72
CA MSE B 257 -10.59 12.66 -24.30
C MSE B 257 -9.28 12.93 -24.96
O MSE B 257 -9.22 13.41 -26.10
CB MSE B 257 -11.04 11.24 -24.67
CG MSE B 257 -12.53 11.11 -24.89
SE MSE B 257 -13.19 9.23 -24.76
CE MSE B 257 -13.03 8.67 -26.58
N GLU B 258 -8.23 12.61 -24.23
CA GLU B 258 -6.89 12.73 -24.74
C GLU B 258 -6.63 11.59 -25.68
N ILE B 259 -5.77 11.86 -26.64
CA ILE B 259 -5.48 10.94 -27.74
C ILE B 259 -3.98 10.96 -28.14
N GLY B 260 -3.55 9.88 -28.80
CA GLY B 260 -2.18 9.80 -29.33
C GLY B 260 -2.02 10.66 -30.56
N GLU B 261 -0.85 11.30 -30.72
CA GLU B 261 -0.59 12.19 -31.86
C GLU B 261 -1.20 11.68 -33.16
N ASP B 262 -0.86 10.45 -33.51
CA ASP B 262 -1.10 9.93 -34.87
C ASP B 262 -2.54 9.55 -35.24
N GLN B 263 -3.41 9.43 -34.25
CA GLN B 263 -4.70 8.76 -34.46
C GLN B 263 -5.84 9.62 -34.97
N VAL B 264 -5.60 10.89 -35.28
CA VAL B 264 -6.66 11.80 -35.73
C VAL B 264 -7.48 11.21 -36.87
N GLU B 265 -6.80 10.84 -37.95
CA GLU B 265 -7.48 10.39 -39.17
C GLU B 265 -8.22 9.05 -39.02
N GLU B 266 -7.70 8.17 -38.15
CA GLU B 266 -8.35 6.90 -37.87
C GLU B 266 -9.54 7.10 -36.94
N LEU B 267 -9.39 7.99 -35.96
CA LEU B 267 -10.49 8.32 -35.05
C LEU B 267 -11.69 8.89 -35.79
N LYS B 268 -11.43 9.76 -36.78
CA LYS B 268 -12.51 10.30 -37.62
C LYS B 268 -13.34 9.20 -38.28
N LYS B 269 -12.77 8.00 -38.43
CA LYS B 269 -13.49 6.84 -38.98
C LYS B 269 -14.27 6.06 -37.91
N ILE B 270 -13.92 6.27 -36.63
CA ILE B 270 -14.68 5.70 -35.50
C ILE B 270 -15.85 6.60 -35.14
N VAL B 271 -15.59 7.90 -35.04
CA VAL B 271 -16.64 8.88 -34.79
C VAL B 271 -16.60 10.00 -35.81
N SER B 272 -17.76 10.32 -36.35
CA SER B 272 -17.90 11.51 -37.17
C SER B 272 -18.49 12.62 -36.30
N ASP B 273 -18.36 13.84 -36.80
CA ASP B 273 -18.79 15.09 -36.15
C ASP B 273 -17.85 15.50 -35.01
N THR B 274 -16.78 14.74 -34.86
CA THR B 274 -15.83 14.94 -33.79
C THR B 274 -14.83 16.00 -34.21
N VAL B 275 -14.42 16.81 -33.24
CA VAL B 275 -13.39 17.83 -33.44
C VAL B 275 -12.09 17.38 -32.76
N PHE B 276 -10.96 17.91 -33.20
CA PHE B 276 -9.66 17.53 -32.64
C PHE B 276 -8.83 18.75 -32.35
N LEU B 277 -8.28 18.83 -31.14
CA LEU B 277 -7.57 20.03 -30.72
C LEU B 277 -6.04 19.84 -30.66
N LYS B 278 -5.30 20.87 -31.10
CA LYS B 278 -3.87 20.89 -30.90
C LYS B 278 -3.60 21.26 -29.45
N ASP B 279 -2.43 20.87 -28.95
CA ASP B 279 -1.97 21.23 -27.60
C ASP B 279 -0.91 22.34 -27.70
N SER B 280 -0.25 22.61 -26.58
CA SER B 280 0.84 23.58 -26.55
C SER B 280 1.93 23.29 -27.57
N ALA B 281 2.28 22.02 -27.78
CA ALA B 281 3.30 21.68 -28.78
C ALA B 281 2.80 21.92 -30.23
N GLY B 282 1.48 22.02 -30.39
CA GLY B 282 0.86 22.20 -31.71
C GLY B 282 0.52 20.86 -32.34
N LYS B 283 0.42 19.84 -31.48
CA LYS B 283 0.14 18.48 -31.89
C LYS B 283 -1.24 18.14 -31.43
N TYR B 284 -1.97 17.41 -32.26
CA TYR B 284 -3.31 17.00 -31.90
C TYR B 284 -3.21 16.08 -30.69
N ARG B 285 -4.04 16.37 -29.68
CA ARG B 285 -3.99 15.64 -28.40
C ARG B 285 -5.33 15.31 -27.81
N PHE B 286 -6.38 15.98 -28.28
CA PHE B 286 -7.73 15.81 -27.72
C PHE B 286 -8.81 15.70 -28.80
N LEU B 287 -9.73 14.76 -28.63
CA LEU B 287 -10.96 14.75 -29.40
C LEU B 287 -12.12 15.35 -28.59
N LEU B 288 -13.01 16.02 -29.28
CA LEU B 288 -14.06 16.78 -28.65
C LEU B 288 -15.37 16.58 -29.39
N LEU B 289 -16.22 15.72 -28.86
CA LEU B 289 -17.52 15.55 -29.45
C LEU B 289 -18.49 16.33 -28.63
N ASN B 290 -19.02 17.41 -29.17
CA ASN B 290 -20.07 18.18 -28.50
C ASN B 290 -21.47 17.89 -29.09
N ARG B 291 -22.22 17.07 -28.40
CA ARG B 291 -23.61 16.81 -28.77
C ARG B 291 -24.57 17.52 -27.82
N ARG B 292 -24.03 18.41 -26.98
CA ARG B 292 -24.90 19.16 -26.10
C ARG B 292 -25.78 20.00 -26.97
N SER B 293 -27.07 19.91 -26.73
CA SER B 293 -28.05 20.56 -27.59
C SER B 293 -28.62 21.86 -27.01
N SER B 294 -28.94 22.78 -27.92
CA SER B 294 -30.03 23.73 -27.71
C SER B 294 -31.27 23.24 -28.46
N SAM C . 5.06 -8.25 17.23
CA SAM C . 4.62 -8.60 15.89
C SAM C . 4.17 -10.06 15.87
O SAM C . 3.32 -10.46 15.07
OXT SAM C . 4.65 -10.87 16.68
CB SAM C . 5.74 -8.38 14.88
CG SAM C . 6.98 -9.15 15.29
SD SAM C . 8.49 -8.93 14.32
CE SAM C . 9.44 -10.29 15.07
C5' SAM C . 9.36 -7.52 15.05
C4' SAM C . 8.77 -6.14 14.71
O4' SAM C . 9.44 -5.21 15.53
C3' SAM C . 8.94 -5.62 13.29
O3' SAM C . 7.65 -5.41 12.72
C2' SAM C . 9.85 -4.36 13.40
O2' SAM C . 9.37 -3.26 12.68
C1' SAM C . 9.84 -4.02 14.87
N9 SAM C . 11.04 -3.62 15.64
C8 SAM C . 12.27 -4.24 15.74
N7 SAM C . 13.02 -3.56 16.65
C5 SAM C . 12.28 -2.55 17.19
C6 SAM C . 12.54 -1.59 18.16
N6 SAM C . 13.70 -1.48 18.78
N1 SAM C . 11.53 -0.70 18.47
C2 SAM C . 10.29 -0.74 17.86
N3 SAM C . 10.05 -1.70 16.90
C4 SAM C . 11.04 -2.59 16.57
N SAM D . -6.94 10.07 -15.22
CA SAM D . -5.67 9.36 -15.42
C SAM D . -4.51 10.31 -15.58
O SAM D . -3.55 10.27 -14.80
OXT SAM D . -4.49 11.11 -16.52
CB SAM D . -5.70 8.49 -16.65
CG SAM D . -4.87 7.26 -16.37
SD SAM D . -4.26 6.36 -17.83
CE SAM D . -3.90 7.42 -19.25
C5' SAM D . -5.64 5.26 -18.27
C4' SAM D . -6.40 4.62 -17.09
O4' SAM D . -7.53 3.94 -17.59
C3' SAM D . -5.68 3.58 -16.24
O3' SAM D . -5.71 4.01 -14.89
C2' SAM D . -6.36 2.23 -16.51
O2' SAM D . -6.34 1.34 -15.40
C1' SAM D . -7.76 2.69 -16.93
N9 SAM D . -8.56 2.00 -17.96
C8 SAM D . -8.16 1.46 -19.16
N7 SAM D . -9.26 1.01 -19.84
C5 SAM D . -10.37 1.29 -19.09
C6 SAM D . -11.72 1.06 -19.28
N6 SAM D . -12.18 0.46 -20.37
N1 SAM D . -12.61 1.48 -18.32
C2 SAM D . -12.19 2.11 -17.18
N3 SAM D . -10.83 2.33 -16.98
C4 SAM D . -9.94 1.93 -17.93
#